data_7N67
#
_entry.id   7N67
#
_cell.length_a   92.944
_cell.length_b   92.944
_cell.length_c   85.550
_cell.angle_alpha   90.000
_cell.angle_beta   90.000
_cell.angle_gamma   120.000
#
_symmetry.space_group_name_H-M   'P 31 2 1'
#
loop_
_entity.id
_entity.type
_entity.pdbx_description
1 polymer 'FdtA domain-containing protein'
2 non-polymer "THYMIDINE-5'-DIPHOSPHATE"
3 non-polymer 'TETRAMETHYLAMMONIUM ION'
4 water water
#
_entity_poly.entity_id   1
_entity_poly.type   'polypeptide(L)'
_entity_poly.pdbx_seq_one_letter_code
;MGSSHHHHHHSSENLYFQGGGHMDYKILNFDAKNDNRGSLIALENLKEIPFEIKRIYYIYDTKPDFPRGAHAHKELEQVL
IMMDGSCEIVLNDGRNDKSIILNRPNIGLFIGKNMWREMRNFSYGAKLLVLASDFYNENEYIRDYDEFLRMVNDT
;
_entity_poly.pdbx_strand_id   A,B
#
loop_
_chem_comp.id
_chem_comp.type
_chem_comp.name
_chem_comp.formula
TMA non-polymer 'TETRAMETHYLAMMONIUM ION' 'C4 H12 N 1'
TYD non-polymer THYMIDINE-5'-DIPHOSPHATE 'C10 H16 N2 O11 P2'
#
# COMPACT_ATOMS: atom_id res chain seq x y z
N HIS A 22 -23.45 -2.94 10.56
CA HIS A 22 -23.41 -1.85 11.59
C HIS A 22 -22.50 -2.28 12.77
N MET A 23 -21.19 -2.48 12.50
CA MET A 23 -20.10 -2.70 13.51
C MET A 23 -19.64 -1.35 14.08
N ASP A 24 -19.00 -1.38 15.25
CA ASP A 24 -18.49 -0.16 15.97
C ASP A 24 -17.09 0.20 15.44
N TYR A 25 -17.05 0.65 14.19
CA TYR A 25 -15.94 1.43 13.57
C TYR A 25 -16.57 2.59 12.79
N LYS A 26 -15.76 3.58 12.39
CA LYS A 26 -16.21 4.67 11.48
C LYS A 26 -15.01 5.18 10.67
N ILE A 27 -15.21 5.38 9.37
CA ILE A 27 -14.25 6.09 8.49
C ILE A 27 -14.41 7.58 8.77
N LEU A 28 -13.31 8.24 9.14
CA LEU A 28 -13.26 9.72 9.38
C LEU A 28 -12.53 10.38 8.20
N ASN A 29 -13.23 11.16 7.38
CA ASN A 29 -12.62 12.00 6.31
C ASN A 29 -12.24 13.35 6.93
N PHE A 30 -10.95 13.67 7.00
CA PHE A 30 -10.49 14.88 7.71
C PHE A 30 -10.43 16.07 6.74
N ASP A 31 -10.68 17.27 7.27
CA ASP A 31 -10.51 18.56 6.57
C ASP A 31 -9.05 19.01 6.70
N ALA A 32 -8.43 19.30 5.56
CA ALA A 32 -7.04 19.79 5.44
C ALA A 32 -7.06 21.28 5.06
N LYS A 33 -6.22 22.08 5.73
CA LYS A 33 -5.80 23.43 5.24
C LYS A 33 -4.65 23.24 4.24
N ASN A 34 -4.98 23.30 2.95
CA ASN A 34 -4.04 23.14 1.81
C ASN A 34 -3.51 24.51 1.39
N ASP A 35 -2.21 24.63 1.13
CA ASP A 35 -1.61 25.88 0.58
C ASP A 35 -0.29 25.54 -0.13
N ASN A 36 0.51 26.55 -0.48
CA ASN A 36 1.79 26.38 -1.23
C ASN A 36 2.79 25.53 -0.43
N ARG A 37 2.77 25.70 0.89
CA ARG A 37 3.72 25.11 1.86
C ARG A 37 3.26 23.70 2.23
N GLY A 38 2.13 23.23 1.67
CA GLY A 38 1.63 21.86 1.81
C GLY A 38 0.29 21.79 2.50
N SER A 39 0.07 20.70 3.27
CA SER A 39 -1.22 20.36 3.92
C SER A 39 -1.05 20.28 5.43
N LEU A 40 -2.10 20.66 6.17
CA LEU A 40 -2.17 20.58 7.65
C LEU A 40 -3.55 20.04 8.03
N ILE A 41 -3.55 19.02 8.89
CA ILE A 41 -4.78 18.40 9.49
C ILE A 41 -4.67 18.60 11.00
N ALA A 42 -5.71 19.15 11.60
CA ALA A 42 -5.82 19.40 13.05
C ALA A 42 -6.97 18.53 13.57
N LEU A 43 -6.68 17.73 14.62
CA LEU A 43 -7.61 16.79 15.28
C LEU A 43 -7.65 17.11 16.79
N GLU A 44 -8.84 17.40 17.33
CA GLU A 44 -9.03 17.90 18.71
C GLU A 44 -9.89 16.94 19.55
N ASN A 45 -9.60 16.89 20.85
CA ASN A 45 -10.37 16.17 21.91
C ASN A 45 -11.87 16.43 21.71
N LEU A 46 -12.66 15.36 21.57
CA LEU A 46 -14.14 15.35 21.51
C LEU A 46 -14.69 16.22 20.38
N LYS A 47 -13.92 16.45 19.30
CA LYS A 47 -14.42 17.15 18.08
C LYS A 47 -14.17 16.23 16.88
N GLU A 48 -13.00 16.24 16.24
CA GLU A 48 -12.73 15.29 15.12
C GLU A 48 -12.52 13.89 15.73
N ILE A 49 -11.93 13.85 16.93
CA ILE A 49 -11.72 12.63 17.76
C ILE A 49 -12.88 12.47 18.72
N PRO A 50 -13.62 11.33 18.70
CA PRO A 50 -14.80 11.15 19.55
C PRO A 50 -14.47 10.75 20.99
N PHE A 51 -13.32 11.17 21.52
CA PHE A 51 -12.87 10.91 22.90
C PHE A 51 -11.75 11.89 23.21
N GLU A 52 -11.28 11.91 24.47
CA GLU A 52 -10.09 12.70 24.88
C GLU A 52 -8.83 11.84 24.73
N ILE A 53 -7.85 12.38 24.00
CA ILE A 53 -6.51 11.74 23.79
C ILE A 53 -5.79 11.72 25.15
N LYS A 54 -5.48 10.52 25.64
CA LYS A 54 -4.63 10.33 26.83
C LYS A 54 -3.25 9.87 26.37
N ARG A 55 -3.20 9.30 25.18
CA ARG A 55 -1.95 8.71 24.65
C ARG A 55 -2.03 8.64 23.12
N ILE A 56 -0.86 8.79 22.50
CA ILE A 56 -0.63 8.44 21.09
C ILE A 56 0.53 7.45 21.10
N TYR A 57 0.47 6.49 20.19
CA TYR A 57 1.66 5.71 19.81
C TYR A 57 1.66 5.58 18.29
N TYR A 58 2.81 5.25 17.74
CA TYR A 58 3.00 5.13 16.28
C TYR A 58 3.97 3.98 16.00
N ILE A 59 3.71 3.30 14.91
CA ILE A 59 4.39 2.03 14.53
C ILE A 59 5.13 2.34 13.23
N TYR A 60 6.43 2.09 13.16
CA TYR A 60 7.21 2.26 11.91
C TYR A 60 8.13 1.07 11.69
N ASP A 61 8.94 1.09 10.64
CA ASP A 61 9.82 -0.03 10.22
C ASP A 61 8.96 -1.29 10.15
N THR A 62 7.80 -1.17 9.50
CA THR A 62 6.86 -2.31 9.30
C THR A 62 7.36 -3.12 8.10
N LYS A 63 6.86 -4.35 7.93
CA LYS A 63 7.12 -5.20 6.75
C LYS A 63 5.83 -5.96 6.38
N PRO A 64 5.61 -6.21 5.06
CA PRO A 64 4.36 -6.82 4.59
C PRO A 64 4.17 -8.27 5.06
N ASP A 65 5.25 -8.99 5.34
CA ASP A 65 5.16 -10.41 5.76
C ASP A 65 5.05 -10.52 7.29
N PHE A 66 5.24 -9.44 8.05
CA PHE A 66 5.23 -9.45 9.55
C PHE A 66 4.07 -8.63 10.13
N PRO A 67 2.82 -9.17 10.09
CA PRO A 67 1.64 -8.48 10.61
C PRO A 67 1.63 -8.20 12.12
N ARG A 68 0.68 -7.36 12.54
CA ARG A 68 0.62 -6.75 13.90
C ARG A 68 -0.83 -6.78 14.42
N GLY A 69 -1.02 -6.28 15.64
CA GLY A 69 -2.29 -6.42 16.39
C GLY A 69 -2.55 -7.88 16.72
N ALA A 70 -3.74 -8.38 16.42
CA ALA A 70 -4.25 -9.69 16.90
C ALA A 70 -4.57 -9.51 18.40
N HIS A 71 -5.54 -8.64 18.67
CA HIS A 71 -6.00 -8.33 20.04
C HIS A 71 -7.32 -7.56 20.00
N ALA A 72 -7.98 -7.51 21.16
CA ALA A 72 -9.22 -6.73 21.38
C ALA A 72 -9.08 -5.94 22.69
N HIS A 73 -9.99 -5.01 22.91
CA HIS A 73 -10.03 -4.15 24.11
C HIS A 73 -11.48 -3.93 24.51
N LYS A 74 -11.73 -4.01 25.83
CA LYS A 74 -13.07 -3.89 26.45
C LYS A 74 -13.49 -2.42 26.36
N GLU A 75 -12.70 -1.53 26.97
CA GLU A 75 -13.09 -0.11 27.17
C GLU A 75 -12.35 0.81 26.17
N LEU A 76 -11.08 0.56 25.88
CA LEU A 76 -10.21 1.45 25.05
C LEU A 76 -10.78 1.63 23.63
N GLU A 77 -10.89 2.89 23.21
CA GLU A 77 -11.31 3.36 21.87
C GLU A 77 -10.08 4.04 21.20
N GLN A 78 -10.02 4.02 19.87
CA GLN A 78 -8.80 4.32 19.11
C GLN A 78 -9.17 5.06 17.83
N VAL A 79 -8.28 5.94 17.36
CA VAL A 79 -8.34 6.46 15.97
C VAL A 79 -7.00 6.16 15.30
N LEU A 80 -7.05 5.43 14.18
CA LEU A 80 -5.89 5.01 13.34
C LEU A 80 -5.76 5.90 12.11
N ILE A 81 -4.58 6.49 11.93
CA ILE A 81 -4.17 7.32 10.77
C ILE A 81 -2.90 6.71 10.18
N MET A 82 -2.96 6.35 8.89
CA MET A 82 -1.78 5.94 8.08
C MET A 82 -0.97 7.19 7.69
N MET A 83 0.07 7.52 8.46
CA MET A 83 0.98 8.67 8.19
C MET A 83 1.80 8.39 6.92
N ASP A 84 2.21 7.16 6.69
CA ASP A 84 3.06 6.81 5.51
C ASP A 84 2.78 5.37 5.09
N GLY A 85 2.62 5.16 3.78
CA GLY A 85 2.39 3.83 3.23
C GLY A 85 0.97 3.40 3.45
N SER A 86 0.74 2.09 3.41
CA SER A 86 -0.61 1.47 3.39
C SER A 86 -0.61 0.27 4.34
N CYS A 87 -1.79 -0.12 4.78
CA CYS A 87 -2.04 -1.42 5.41
C CYS A 87 -3.54 -1.72 5.36
N GLU A 88 -3.84 -3.01 5.52
CA GLU A 88 -5.17 -3.60 5.69
C GLU A 88 -5.43 -3.74 7.19
N ILE A 89 -6.40 -3.00 7.72
CA ILE A 89 -6.97 -3.23 9.07
C ILE A 89 -8.08 -4.26 8.90
N VAL A 90 -7.97 -5.39 9.60
CA VAL A 90 -9.03 -6.45 9.61
C VAL A 90 -9.68 -6.38 10.99
N LEU A 91 -10.96 -6.02 11.01
CA LEU A 91 -11.81 -5.82 12.21
C LEU A 91 -12.72 -7.04 12.37
N ASN A 92 -13.08 -7.37 13.61
CA ASN A 92 -13.98 -8.50 13.97
C ASN A 92 -14.64 -8.15 15.31
N ASP A 93 -15.98 -8.23 15.37
CA ASP A 93 -16.76 -7.94 16.60
C ASP A 93 -17.34 -9.22 17.22
N GLY A 94 -17.08 -10.38 16.62
CA GLY A 94 -17.57 -11.69 17.10
C GLY A 94 -18.28 -12.45 16.01
N ARG A 95 -18.91 -11.75 15.05
CA ARG A 95 -19.67 -12.36 13.92
C ARG A 95 -18.94 -12.01 12.62
N ASN A 96 -19.56 -11.25 11.71
CA ASN A 96 -18.95 -10.90 10.39
C ASN A 96 -17.81 -9.91 10.63
N ASP A 97 -16.86 -9.86 9.69
CA ASP A 97 -15.56 -9.13 9.84
C ASP A 97 -15.28 -8.32 8.56
N LYS A 98 -14.82 -7.07 8.75
CA LYS A 98 -14.60 -6.08 7.67
C LYS A 98 -13.10 -5.82 7.49
N SER A 99 -12.63 -5.88 6.25
CA SER A 99 -11.29 -5.41 5.83
C SER A 99 -11.36 -3.93 5.41
N ILE A 100 -10.62 -3.06 6.10
CA ILE A 100 -10.48 -1.61 5.76
C ILE A 100 -9.02 -1.35 5.39
N ILE A 101 -8.80 -0.89 4.17
CA ILE A 101 -7.46 -0.47 3.67
C ILE A 101 -7.24 1.03 3.98
N LEU A 102 -6.25 1.32 4.83
CA LEU A 102 -5.73 2.68 5.13
C LEU A 102 -4.49 2.96 4.29
N ASN A 103 -4.47 4.06 3.52
CA ASN A 103 -3.32 4.35 2.61
C ASN A 103 -3.11 5.85 2.33
N ARG A 104 -3.76 6.77 3.06
CA ARG A 104 -3.55 8.23 2.91
C ARG A 104 -3.70 8.91 4.27
N PRO A 105 -2.93 9.98 4.56
CA PRO A 105 -3.03 10.65 5.86
C PRO A 105 -4.31 11.46 6.16
N ASN A 106 -5.20 11.70 5.19
CA ASN A 106 -6.41 12.56 5.38
C ASN A 106 -7.62 11.70 5.79
N ILE A 107 -7.41 10.39 5.97
CA ILE A 107 -8.45 9.44 6.46
C ILE A 107 -7.96 8.81 7.77
N GLY A 108 -8.86 8.75 8.75
CA GLY A 108 -8.70 8.04 10.04
C GLY A 108 -9.74 6.93 10.19
N LEU A 109 -9.43 5.91 11.00
CA LEU A 109 -10.36 4.80 11.26
C LEU A 109 -10.63 4.76 12.75
N PHE A 110 -11.88 5.03 13.13
CA PHE A 110 -12.32 4.95 14.53
C PHE A 110 -12.60 3.49 14.82
N ILE A 111 -11.94 2.96 15.85
CA ILE A 111 -12.17 1.57 16.32
C ILE A 111 -12.74 1.65 17.72
N GLY A 112 -14.00 1.24 17.86
CA GLY A 112 -14.74 1.25 19.13
C GLY A 112 -14.36 0.11 20.07
N LYS A 113 -15.27 -0.17 20.99
CA LYS A 113 -15.09 -1.12 22.12
C LYS A 113 -15.38 -2.55 21.66
N ASN A 114 -14.74 -3.51 22.34
CA ASN A 114 -14.99 -4.96 22.17
C ASN A 114 -14.81 -5.33 20.69
N MET A 115 -13.73 -4.82 20.09
CA MET A 115 -13.39 -4.98 18.66
C MET A 115 -12.03 -5.67 18.52
N TRP A 116 -12.00 -6.83 17.88
CA TRP A 116 -10.75 -7.52 17.52
C TRP A 116 -10.22 -6.86 16.24
N ARG A 117 -8.92 -6.58 16.18
CA ARG A 117 -8.31 -5.96 14.99
C ARG A 117 -6.96 -6.63 14.76
N GLU A 118 -6.60 -6.86 13.49
CA GLU A 118 -5.18 -7.03 13.11
C GLU A 118 -4.87 -6.05 11.99
N MET A 119 -3.58 -5.79 11.82
CA MET A 119 -3.06 -4.91 10.75
C MET A 119 -2.08 -5.75 9.94
N ARG A 120 -2.40 -6.00 8.68
CA ARG A 120 -1.51 -6.80 7.84
C ARG A 120 -1.22 -6.05 6.54
N ASN A 121 -0.26 -6.57 5.78
CA ASN A 121 0.08 -6.06 4.44
C ASN A 121 0.54 -4.62 4.58
N PHE A 122 1.25 -4.29 5.67
CA PHE A 122 2.04 -3.04 5.80
C PHE A 122 2.98 -2.96 4.60
N SER A 123 2.94 -1.86 3.86
CA SER A 123 3.94 -1.52 2.84
C SER A 123 5.29 -1.32 3.57
N TYR A 124 6.40 -1.65 2.92
CA TYR A 124 7.72 -1.68 3.60
C TYR A 124 7.99 -0.28 4.16
N GLY A 125 8.08 -0.18 5.49
CA GLY A 125 8.45 1.06 6.17
C GLY A 125 7.23 1.92 6.46
N ALA A 126 6.03 1.34 6.37
CA ALA A 126 4.76 2.08 6.53
C ALA A 126 4.67 2.60 7.97
N LYS A 127 4.08 3.77 8.15
CA LYS A 127 4.08 4.43 9.47
C LYS A 127 2.64 4.63 9.91
N LEU A 128 2.21 3.91 10.96
CA LEU A 128 0.83 4.02 11.50
C LEU A 128 0.88 4.88 12.75
N LEU A 129 -0.13 5.74 12.91
CA LEU A 129 -0.31 6.63 14.09
C LEU A 129 -1.62 6.24 14.75
N VAL A 130 -1.59 6.02 16.07
CA VAL A 130 -2.81 5.61 16.84
C VAL A 130 -3.01 6.62 17.95
N LEU A 131 -4.24 7.13 18.05
CA LEU A 131 -4.72 8.07 19.09
C LEU A 131 -5.60 7.24 20.03
N ALA A 132 -5.28 7.23 21.33
CA ALA A 132 -5.89 6.30 22.31
C ALA A 132 -6.67 7.06 23.38
N SER A 133 -7.84 6.52 23.74
CA SER A 133 -8.77 7.12 24.74
C SER A 133 -8.30 6.86 26.16
N ASP A 134 -7.15 6.23 26.38
CA ASP A 134 -6.70 5.91 27.76
C ASP A 134 -5.21 5.54 27.75
N PHE A 135 -4.64 5.50 28.94
CA PHE A 135 -3.23 5.15 29.21
C PHE A 135 -3.06 3.64 28.95
N TYR A 136 -1.84 3.21 28.62
CA TYR A 136 -1.49 1.81 28.26
C TYR A 136 -1.78 0.90 29.46
N ASN A 137 -2.49 -0.21 29.21
CA ASN A 137 -2.99 -1.14 30.26
C ASN A 137 -2.92 -2.59 29.71
N GLU A 138 -1.76 -3.25 29.84
CA GLU A 138 -1.49 -4.61 29.29
C GLU A 138 -2.53 -5.61 29.81
N ASN A 139 -3.09 -5.40 31.00
CA ASN A 139 -4.09 -6.33 31.60
C ASN A 139 -5.35 -6.35 30.72
N GLU A 140 -5.76 -5.23 30.12
CA GLU A 140 -7.08 -5.08 29.44
C GLU A 140 -6.96 -5.46 27.96
N TYR A 141 -5.78 -5.92 27.52
CA TYR A 141 -5.51 -6.63 26.24
C TYR A 141 -6.08 -8.06 26.31
N ILE A 142 -6.87 -8.40 25.31
CA ILE A 142 -7.35 -9.77 25.02
C ILE A 142 -6.54 -10.25 23.81
N ARG A 143 -5.46 -10.99 24.03
CA ARG A 143 -4.57 -11.45 22.93
C ARG A 143 -4.91 -12.89 22.55
N ASP A 144 -6.07 -13.42 22.96
CA ASP A 144 -6.55 -14.81 22.65
C ASP A 144 -7.92 -14.68 21.97
N TYR A 145 -8.05 -15.15 20.72
CA TYR A 145 -9.28 -14.92 19.92
C TYR A 145 -10.47 -15.63 20.59
N ASP A 146 -10.27 -16.85 21.11
CA ASP A 146 -11.36 -17.65 21.72
C ASP A 146 -11.84 -16.96 23.00
N GLU A 147 -10.89 -16.53 23.86
CA GLU A 147 -11.17 -15.67 25.04
C GLU A 147 -12.03 -14.47 24.64
N PHE A 148 -11.70 -13.83 23.49
CA PHE A 148 -12.46 -12.67 22.95
C PHE A 148 -13.92 -13.12 22.72
N LEU A 149 -14.11 -14.26 22.05
CA LEU A 149 -15.44 -14.77 21.62
C LEU A 149 -16.29 -15.14 22.84
N ARG A 150 -15.68 -15.72 23.89
CA ARG A 150 -16.36 -16.03 25.18
C ARG A 150 -16.89 -14.73 25.78
N MET A 151 -16.03 -13.69 25.75
CA MET A 151 -16.30 -12.33 26.29
C MET A 151 -17.42 -11.65 25.48
N VAL A 152 -17.51 -11.89 24.17
CA VAL A 152 -18.57 -11.31 23.29
C VAL A 152 -19.93 -11.95 23.62
N ASN A 153 -19.95 -13.27 23.93
CA ASN A 153 -21.18 -14.08 24.15
C ASN A 153 -21.24 -14.56 25.61
N HIS B 22 0.41 -18.56 -20.17
CA HIS B 22 1.39 -17.93 -19.23
C HIS B 22 1.73 -16.52 -19.75
N MET B 23 1.32 -15.47 -19.03
CA MET B 23 1.51 -14.04 -19.41
C MET B 23 3.00 -13.65 -19.31
N ASP B 24 3.45 -12.66 -20.09
CA ASP B 24 4.88 -12.27 -20.20
C ASP B 24 5.27 -11.24 -19.13
N TYR B 25 5.21 -11.64 -17.86
CA TYR B 25 5.71 -10.88 -16.68
C TYR B 25 6.54 -11.86 -15.85
N LYS B 26 7.48 -11.34 -15.06
CA LYS B 26 8.20 -12.14 -14.04
C LYS B 26 8.36 -11.32 -12.76
N ILE B 27 8.12 -11.96 -11.63
CA ILE B 27 8.46 -11.42 -10.28
C ILE B 27 9.97 -11.58 -10.11
N LEU B 28 10.69 -10.49 -9.83
CA LEU B 28 12.16 -10.52 -9.60
C LEU B 28 12.41 -10.31 -8.11
N ASN B 29 13.06 -11.28 -7.46
CA ASN B 29 13.48 -11.19 -6.04
C ASN B 29 14.93 -10.72 -6.02
N PHE B 30 15.23 -9.59 -5.41
CA PHE B 30 16.57 -8.96 -5.45
CA PHE B 30 16.58 -8.97 -5.45
C PHE B 30 17.33 -9.34 -4.18
N ASP B 31 18.64 -9.56 -4.30
CA ASP B 31 19.58 -9.78 -3.16
C ASP B 31 20.07 -8.40 -2.71
N ALA B 32 19.92 -8.12 -1.42
CA ALA B 32 20.24 -6.82 -0.80
C ALA B 32 21.52 -7.02 0.03
N LYS B 33 22.45 -6.07 0.02
CA LYS B 33 23.61 -6.04 0.95
C LYS B 33 23.18 -5.25 2.19
N ASN B 34 22.95 -5.95 3.30
CA ASN B 34 22.35 -5.38 4.54
C ASN B 34 23.44 -5.25 5.60
N ASP B 35 23.61 -4.04 6.12
CA ASP B 35 24.46 -3.76 7.32
C ASP B 35 23.69 -2.78 8.24
N ASN B 36 24.33 -2.29 9.29
CA ASN B 36 23.72 -1.38 10.29
C ASN B 36 23.51 0.01 9.65
N ARG B 37 24.03 0.27 8.44
CA ARG B 37 23.84 1.54 7.70
C ARG B 37 22.66 1.42 6.71
N GLY B 38 21.96 0.28 6.70
CA GLY B 38 20.79 0.05 5.85
C GLY B 38 21.04 -0.99 4.76
N SER B 39 20.30 -0.92 3.65
CA SER B 39 20.28 -1.96 2.58
C SER B 39 20.62 -1.34 1.23
N LEU B 40 21.39 -2.08 0.43
CA LEU B 40 21.75 -1.70 -0.95
C LEU B 40 21.34 -2.83 -1.89
N ILE B 41 20.60 -2.48 -2.93
CA ILE B 41 20.31 -3.38 -4.07
C ILE B 41 21.01 -2.80 -5.29
N ALA B 42 21.71 -3.66 -6.03
CA ALA B 42 22.43 -3.27 -7.28
C ALA B 42 21.81 -4.06 -8.43
N LEU B 43 21.44 -3.36 -9.51
CA LEU B 43 20.81 -3.97 -10.70
C LEU B 43 21.62 -3.57 -11.95
N GLU B 44 22.18 -4.58 -12.63
CA GLU B 44 23.07 -4.43 -13.81
C GLU B 44 22.38 -4.92 -15.09
N ASN B 45 22.73 -4.30 -16.22
CA ASN B 45 22.43 -4.78 -17.60
C ASN B 45 22.69 -6.29 -17.74
N LEU B 46 21.73 -6.98 -18.37
CA LEU B 46 21.84 -8.37 -18.85
C LEU B 46 22.31 -9.26 -17.71
N LYS B 47 21.95 -8.90 -16.47
CA LYS B 47 22.27 -9.68 -15.25
C LYS B 47 20.98 -9.78 -14.40
N GLU B 48 20.74 -8.89 -13.44
CA GLU B 48 19.45 -8.90 -12.70
C GLU B 48 18.35 -8.33 -13.59
N ILE B 49 18.71 -7.42 -14.51
CA ILE B 49 17.82 -6.82 -15.55
C ILE B 49 18.11 -7.53 -16.86
N PRO B 50 17.14 -8.24 -17.46
CA PRO B 50 17.39 -9.01 -18.68
C PRO B 50 17.22 -8.18 -19.96
N PHE B 51 17.75 -6.96 -19.96
CA PHE B 51 17.90 -6.09 -21.14
C PHE B 51 18.90 -4.99 -20.79
N GLU B 52 19.20 -4.10 -21.74
CA GLU B 52 20.14 -2.98 -21.52
C GLU B 52 19.33 -1.73 -21.20
N ILE B 53 19.53 -1.18 -20.00
CA ILE B 53 18.85 0.07 -19.57
C ILE B 53 19.32 1.17 -20.53
N LYS B 54 18.37 1.80 -21.20
CA LYS B 54 18.59 3.00 -22.05
C LYS B 54 17.96 4.21 -21.38
N ARG B 55 16.98 3.98 -20.51
CA ARG B 55 16.22 5.06 -19.82
C ARG B 55 15.68 4.50 -18.52
N ILE B 56 15.61 5.36 -17.51
CA ILE B 56 14.87 5.09 -16.25
C ILE B 56 13.89 6.25 -16.08
N TYR B 57 12.78 5.98 -15.40
CA TYR B 57 11.81 7.03 -14.98
C TYR B 57 11.24 6.64 -13.61
N TYR B 58 10.90 7.67 -12.84
CA TYR B 58 10.28 7.55 -11.51
C TYR B 58 9.07 8.47 -11.40
N ILE B 59 8.06 7.97 -10.68
CA ILE B 59 6.76 8.65 -10.43
C ILE B 59 6.64 8.90 -8.93
N TYR B 60 6.25 10.11 -8.54
CA TYR B 60 6.00 10.45 -7.12
C TYR B 60 4.81 11.39 -7.02
N ASP B 61 4.42 11.80 -5.81
CA ASP B 61 3.18 12.55 -5.51
C ASP B 61 1.99 11.78 -6.09
N THR B 62 1.98 10.47 -5.89
CA THR B 62 0.83 9.60 -6.26
C THR B 62 -0.26 9.67 -5.18
N LYS B 63 -1.49 9.32 -5.62
CA LYS B 63 -2.76 9.40 -4.85
C LYS B 63 -3.54 8.10 -5.08
N PRO B 64 -4.06 7.49 -4.00
CA PRO B 64 -4.87 6.28 -4.11
C PRO B 64 -5.98 6.34 -5.15
N ASP B 65 -6.54 7.53 -5.38
CA ASP B 65 -7.78 7.74 -6.19
C ASP B 65 -7.41 8.19 -7.62
N PHE B 66 -6.12 8.37 -7.94
CA PHE B 66 -5.62 8.80 -9.28
C PHE B 66 -4.69 7.74 -9.88
N PRO B 67 -5.24 6.66 -10.47
CA PRO B 67 -4.42 5.61 -11.06
C PRO B 67 -3.69 6.09 -12.32
N ARG B 68 -2.65 5.34 -12.69
CA ARG B 68 -1.76 5.69 -13.82
C ARG B 68 -1.60 4.46 -14.72
N GLY B 69 -0.79 4.60 -15.76
CA GLY B 69 -0.62 3.56 -16.79
C GLY B 69 -1.78 3.61 -17.78
N ALA B 70 -2.34 2.46 -18.10
CA ALA B 70 -3.35 2.31 -19.15
C ALA B 70 -2.65 2.59 -20.49
N HIS B 71 -1.66 1.75 -20.80
CA HIS B 71 -0.98 1.70 -22.12
C HIS B 71 -0.29 0.34 -22.33
N ALA B 72 0.10 0.07 -23.57
CA ALA B 72 0.82 -1.15 -23.99
C ALA B 72 1.86 -0.75 -25.03
N HIS B 73 2.77 -1.67 -25.34
CA HIS B 73 4.01 -1.43 -26.15
C HIS B 73 4.34 -2.74 -26.86
N LYS B 74 4.57 -2.69 -28.18
CA LYS B 74 4.91 -3.89 -28.99
C LYS B 74 6.33 -4.35 -28.63
N GLU B 75 7.26 -3.41 -28.37
CA GLU B 75 8.73 -3.70 -28.25
C GLU B 75 9.25 -3.46 -26.82
N LEU B 76 8.88 -2.34 -26.20
CA LEU B 76 9.46 -1.86 -24.92
C LEU B 76 9.28 -2.92 -23.82
N GLU B 77 10.39 -3.38 -23.23
CA GLU B 77 10.38 -4.23 -22.01
C GLU B 77 10.70 -3.30 -20.85
N GLN B 78 10.09 -3.50 -19.68
CA GLN B 78 10.28 -2.64 -18.48
C GLN B 78 10.52 -3.54 -17.26
N VAL B 79 11.19 -3.01 -16.24
CA VAL B 79 11.23 -3.59 -14.86
C VAL B 79 10.75 -2.53 -13.86
N LEU B 80 9.71 -2.84 -13.08
CA LEU B 80 9.04 -1.93 -12.12
C LEU B 80 9.53 -2.25 -10.71
N ILE B 81 9.84 -1.22 -9.93
CA ILE B 81 10.24 -1.34 -8.51
C ILE B 81 9.53 -0.24 -7.71
N MET B 82 8.69 -0.60 -6.73
CA MET B 82 8.15 0.37 -5.75
C MET B 82 9.23 0.69 -4.73
N MET B 83 9.84 1.87 -4.85
CA MET B 83 10.89 2.29 -3.91
C MET B 83 10.27 2.76 -2.59
N ASP B 84 9.05 3.28 -2.62
CA ASP B 84 8.34 3.81 -1.43
C ASP B 84 6.86 3.44 -1.53
N GLY B 85 6.30 2.86 -0.47
CA GLY B 85 4.86 2.60 -0.41
C GLY B 85 4.46 1.45 -1.31
N SER B 86 3.20 1.42 -1.69
CA SER B 86 2.60 0.27 -2.40
C SER B 86 1.83 0.78 -3.60
N CYS B 87 1.69 -0.09 -4.58
CA CYS B 87 0.59 0.05 -5.55
C CYS B 87 0.20 -1.31 -6.10
N GLU B 88 -0.92 -1.36 -6.80
CA GLU B 88 -1.43 -2.58 -7.46
C GLU B 88 -1.17 -2.46 -8.96
N ILE B 89 -0.23 -3.26 -9.48
CA ILE B 89 0.00 -3.39 -10.95
C ILE B 89 -1.06 -4.33 -11.50
N VAL B 90 -1.80 -3.89 -12.53
CA VAL B 90 -2.82 -4.71 -13.24
C VAL B 90 -2.35 -4.90 -14.68
N LEU B 91 -2.19 -6.17 -15.05
CA LEU B 91 -1.56 -6.67 -16.29
C LEU B 91 -2.61 -7.40 -17.13
N ASN B 92 -2.62 -7.12 -18.42
CA ASN B 92 -3.63 -7.70 -19.32
C ASN B 92 -2.95 -7.88 -20.68
N ASP B 93 -2.96 -9.10 -21.21
CA ASP B 93 -2.42 -9.39 -22.56
C ASP B 93 -3.58 -9.74 -23.48
N GLY B 94 -4.80 -9.30 -23.15
CA GLY B 94 -5.98 -9.45 -24.02
C GLY B 94 -6.95 -10.52 -23.54
N ARG B 95 -6.57 -11.25 -22.48
CA ARG B 95 -7.45 -12.17 -21.68
C ARG B 95 -7.84 -11.47 -20.38
N ASN B 96 -7.70 -12.17 -19.24
CA ASN B 96 -8.08 -11.68 -17.88
C ASN B 96 -6.96 -10.86 -17.22
N ASP B 97 -7.35 -9.84 -16.46
CA ASP B 97 -6.48 -9.04 -15.58
C ASP B 97 -5.77 -9.96 -14.58
N LYS B 98 -4.43 -9.78 -14.42
CA LYS B 98 -3.59 -10.31 -13.30
C LYS B 98 -3.16 -9.13 -12.44
N SER B 99 -3.54 -9.12 -11.16
CA SER B 99 -3.07 -8.12 -10.16
C SER B 99 -1.76 -8.59 -9.56
N ILE B 100 -0.73 -7.73 -9.51
CA ILE B 100 0.51 -7.98 -8.73
C ILE B 100 0.70 -6.80 -7.79
N ILE B 101 0.69 -7.06 -6.49
CA ILE B 101 0.94 -6.01 -5.48
C ILE B 101 2.45 -5.89 -5.31
N LEU B 102 2.98 -4.69 -5.51
CA LEU B 102 4.35 -4.30 -5.12
C LEU B 102 4.24 -3.39 -3.89
N ASN B 103 4.84 -3.81 -2.78
CA ASN B 103 4.82 -3.06 -1.50
C ASN B 103 6.16 -3.13 -0.79
N ARG B 104 7.24 -3.61 -1.42
CA ARG B 104 8.59 -3.57 -0.82
C ARG B 104 9.61 -3.27 -1.88
N PRO B 105 10.73 -2.61 -1.53
CA PRO B 105 11.78 -2.28 -2.50
C PRO B 105 12.65 -3.45 -2.98
N ASN B 106 12.56 -4.65 -2.39
CA ASN B 106 13.45 -5.78 -2.75
C ASN B 106 12.79 -6.74 -3.76
N ILE B 107 11.62 -6.38 -4.27
CA ILE B 107 10.90 -7.15 -5.32
C ILE B 107 10.78 -6.22 -6.53
N GLY B 108 10.96 -6.77 -7.73
CA GLY B 108 10.74 -6.05 -9.00
C GLY B 108 9.77 -6.81 -9.87
N LEU B 109 9.24 -6.18 -10.91
CA LEU B 109 8.24 -6.81 -11.81
C LEU B 109 8.69 -6.54 -13.25
N PHE B 110 9.14 -7.59 -13.92
CA PHE B 110 9.48 -7.52 -15.36
C PHE B 110 8.14 -7.61 -16.07
N ILE B 111 7.94 -6.72 -17.03
CA ILE B 111 6.75 -6.65 -17.93
C ILE B 111 7.28 -6.70 -19.37
N GLY B 112 7.01 -7.80 -20.07
CA GLY B 112 7.46 -8.01 -21.46
C GLY B 112 6.62 -7.27 -22.48
N LYS B 113 6.59 -7.83 -23.69
CA LYS B 113 6.05 -7.18 -24.92
C LYS B 113 4.54 -7.39 -25.01
N ASN B 114 3.86 -6.51 -25.73
CA ASN B 114 2.42 -6.68 -26.02
C ASN B 114 1.69 -6.93 -24.68
N MET B 115 2.01 -6.11 -23.66
CA MET B 115 1.38 -6.15 -22.32
C MET B 115 0.74 -4.79 -22.02
N TRP B 116 -0.57 -4.75 -21.89
CA TRP B 116 -1.32 -3.61 -21.31
C TRP B 116 -1.08 -3.64 -19.80
N ARG B 117 -0.89 -2.47 -19.19
CA ARG B 117 -0.62 -2.39 -17.74
C ARG B 117 -1.28 -1.12 -17.19
N GLU B 118 -1.78 -1.23 -15.97
CA GLU B 118 -2.23 -0.09 -15.14
C GLU B 118 -1.58 -0.21 -13.75
N MET B 119 -1.51 0.89 -13.03
CA MET B 119 -1.00 0.90 -11.65
C MET B 119 -1.93 1.76 -10.82
N ARG B 120 -2.64 1.13 -9.89
CA ARG B 120 -3.72 1.76 -9.10
C ARG B 120 -3.52 1.47 -7.60
N ASN B 121 -4.33 2.10 -6.76
CA ASN B 121 -4.27 1.94 -5.27
C ASN B 121 -2.87 2.30 -4.79
N PHE B 122 -2.25 3.31 -5.40
CA PHE B 122 -1.00 3.92 -4.93
C PHE B 122 -1.24 4.37 -3.50
N SER B 123 -0.37 4.02 -2.57
CA SER B 123 -0.36 4.69 -1.25
C SER B 123 0.04 6.15 -1.47
N TYR B 124 -0.40 7.03 -0.59
CA TYR B 124 -0.23 8.49 -0.78
C TYR B 124 1.27 8.82 -0.74
N GLY B 125 1.75 9.43 -1.84
CA GLY B 125 3.14 9.82 -2.03
C GLY B 125 4.04 8.64 -2.39
N ALA B 126 3.47 7.47 -2.73
CA ALA B 126 4.20 6.27 -3.18
C ALA B 126 5.02 6.60 -4.42
N LYS B 127 6.19 5.97 -4.55
CA LYS B 127 7.20 6.25 -5.58
C LYS B 127 7.51 4.96 -6.32
N LEU B 128 7.46 5.02 -7.65
CA LEU B 128 7.72 3.87 -8.54
C LEU B 128 8.94 4.19 -9.39
N LEU B 129 9.91 3.27 -9.44
CA LEU B 129 11.07 3.34 -10.36
C LEU B 129 10.81 2.39 -11.52
N VAL B 130 11.12 2.81 -12.75
CA VAL B 130 10.96 1.96 -13.97
C VAL B 130 12.28 1.95 -14.74
N LEU B 131 12.86 0.77 -14.90
CA LEU B 131 14.01 0.51 -15.79
C LEU B 131 13.44 0.12 -17.14
N ALA B 132 13.75 0.87 -18.20
CA ALA B 132 13.20 0.67 -19.56
C ALA B 132 14.31 0.26 -20.54
N SER B 133 13.95 -0.57 -21.52
CA SER B 133 14.81 -1.24 -22.54
C SER B 133 15.15 -0.32 -23.72
N ASP B 134 14.58 0.88 -23.79
CA ASP B 134 14.74 1.77 -24.97
C ASP B 134 14.30 3.20 -24.66
N PHE B 135 14.68 4.14 -25.52
CA PHE B 135 14.39 5.58 -25.43
C PHE B 135 12.88 5.78 -25.57
N TYR B 136 12.36 6.86 -25.00
CA TYR B 136 10.90 7.18 -24.95
C TYR B 136 10.43 7.46 -26.37
N ASN B 137 9.44 6.72 -26.83
CA ASN B 137 8.77 7.03 -28.11
C ASN B 137 7.25 7.10 -27.88
N GLU B 138 6.70 8.32 -27.72
CA GLU B 138 5.23 8.53 -27.61
C GLU B 138 4.51 7.84 -28.77
N ASN B 139 5.12 7.80 -29.96
CA ASN B 139 4.52 7.20 -31.19
C ASN B 139 4.23 5.71 -30.97
N GLU B 140 5.08 4.99 -30.21
CA GLU B 140 5.00 3.51 -30.06
C GLU B 140 4.06 3.12 -28.91
N TYR B 141 3.53 4.10 -28.18
CA TYR B 141 2.52 3.91 -27.09
C TYR B 141 1.17 3.54 -27.69
N ILE B 142 0.51 2.55 -27.10
CA ILE B 142 -0.94 2.28 -27.32
C ILE B 142 -1.66 2.69 -26.04
N ARG B 143 -2.44 3.77 -26.09
CA ARG B 143 -3.12 4.37 -24.91
C ARG B 143 -4.63 4.11 -24.98
N ASP B 144 -5.08 3.21 -25.85
CA ASP B 144 -6.51 2.82 -26.01
C ASP B 144 -6.59 1.30 -25.89
N TYR B 145 -7.43 0.79 -24.99
CA TYR B 145 -7.51 -0.68 -24.73
C TYR B 145 -8.04 -1.40 -25.98
N ASP B 146 -9.06 -0.81 -26.64
CA ASP B 146 -9.74 -1.41 -27.83
C ASP B 146 -8.70 -1.56 -28.97
N GLU B 147 -7.92 -0.50 -29.20
CA GLU B 147 -6.73 -0.47 -30.10
C GLU B 147 -5.78 -1.62 -29.75
N PHE B 148 -5.52 -1.85 -28.45
CA PHE B 148 -4.61 -2.92 -27.96
C PHE B 148 -5.19 -4.28 -28.35
N LEU B 149 -6.49 -4.49 -28.20
CA LEU B 149 -7.10 -5.82 -28.49
C LEU B 149 -7.03 -6.10 -30.00
N ARG B 150 -7.40 -5.10 -30.81
CA ARG B 150 -7.23 -5.16 -32.29
C ARG B 150 -5.79 -5.56 -32.63
N MET B 151 -4.79 -4.87 -32.06
CA MET B 151 -3.34 -5.17 -32.25
C MET B 151 -3.04 -6.64 -31.88
N VAL B 152 -3.58 -7.13 -30.77
CA VAL B 152 -3.29 -8.50 -30.26
C VAL B 152 -4.10 -9.54 -31.04
N ASN B 153 -5.03 -9.14 -31.93
CA ASN B 153 -5.94 -10.08 -32.66
C ASN B 153 -5.79 -9.92 -34.20
N ASP B 154 -4.56 -9.76 -34.65
CA ASP B 154 -4.19 -9.64 -36.07
C ASP B 154 -3.86 -11.02 -36.62
PA TYD C . 1.94 -4.82 20.60
O1A TYD C . 2.60 -6.15 20.37
O2A TYD C . 0.66 -4.85 21.34
O3A TYD C . 1.73 -4.06 19.20
PB TYD C . 0.64 -4.09 17.97
O1B TYD C . 0.48 -5.56 17.62
O2B TYD C . 1.28 -3.32 16.84
O3B TYD C . -0.68 -3.47 18.42
O5' TYD C . 2.94 -3.85 21.36
C5' TYD C . 4.37 -4.05 21.17
C4' TYD C . 5.04 -3.78 22.49
O4' TYD C . 4.88 -2.40 22.86
C3' TYD C . 4.48 -4.61 23.64
O3' TYD C . 5.53 -5.04 24.49
C2' TYD C . 3.58 -3.63 24.37
C1' TYD C . 4.33 -2.32 24.17
N1 TYD C . 3.47 -1.10 24.26
C2 TYD C . 3.74 -0.17 25.24
O2 TYD C . 4.69 -0.25 26.00
N3 TYD C . 2.88 0.89 25.28
C4 TYD C . 1.79 1.12 24.45
O4 TYD C . 1.11 2.13 24.61
C5 TYD C . 1.56 0.09 23.45
C5M TYD C . 0.40 0.24 22.52
C6 TYD C . 2.39 -0.95 23.42
N1 TMA D . -20.63 1.87 9.84
C1 TMA D . -21.65 1.27 10.76
C2 TMA D . -20.61 3.36 10.00
C3 TMA D . -20.96 1.51 8.42
C4 TMA D . -19.27 1.32 10.19
PA TYD E . 2.26 8.77 -18.71
O1A TYD E . 2.45 7.80 -19.81
O2A TYD E . 0.97 9.51 -18.61
O3A TYD E . 2.61 8.07 -17.32
PB TYD E . 2.18 6.71 -16.61
O1B TYD E . 2.75 6.79 -15.20
O2B TYD E . 0.67 6.73 -16.64
O3B TYD E . 2.76 5.57 -17.39
O5' TYD E . 3.44 9.85 -18.73
C5' TYD E . 3.14 11.17 -18.24
C4' TYD E . 3.83 12.17 -19.13
O4' TYD E . 5.25 11.91 -19.11
C3' TYD E . 3.38 12.11 -20.60
O3' TYD E . 3.17 13.41 -21.10
C2' TYD E . 4.56 11.44 -21.30
C1' TYD E . 5.74 11.87 -20.44
N1 TYD E . 6.88 10.92 -20.47
C2 TYD E . 8.07 11.37 -21.01
O2 TYD E . 8.23 12.50 -21.44
N3 TYD E . 9.07 10.42 -21.04
C4 TYD E . 9.01 9.11 -20.59
O4 TYD E . 10.00 8.37 -20.68
C5 TYD E . 7.74 8.72 -20.03
C5M TYD E . 7.58 7.32 -19.51
C6 TYD E . 6.75 9.62 -20.01
#